data_4P7W
#
_entry.id   4P7W
#
_cell.length_a   55.390
_cell.length_b   73.615
_cell.length_c   95.045
_cell.angle_alpha   90.000
_cell.angle_beta   90.000
_cell.angle_gamma   90.000
#
_symmetry.space_group_name_H-M   'P 21 2 21'
#
loop_
_entity.id
_entity.type
_entity.pdbx_description
1 polymer 'L-proline cis-4-hydroxylase'
2 non-polymer 'COBALT (II) ION'
3 non-polymer '2-OXOGLUTARIC ACID'
4 non-polymer PROLINE
5 water water
#
_entity_poly.entity_id   1
_entity_poly.type   'polypeptide(L)'
_entity_poly.pdbx_seq_one_letter_code
;MASWSHPQFEKGATTRILGVVQLDQRRLTDDLAVLAKSNFSSEYSDFACGRWEFCMLRNQSGKQEEQRVVVHETPALATP
LGQSLPYLNELLDNHFDRDSIRYARIIRISENACIIPHRDYLELEGKFIRVHLVLDTNEKCSNTEENNIFHMGRGEIWFL
DASLPHSAGCFSPTPRLHLVVDIEGTRSLEEVAINVEQPSARNATVDTRKEWTDETLESVLGFSEIISEANYREIVAILA
KLHFFHKVHCVDMYGWLKEICRRRGEPALIEKANSLERFYLIDRAAGEVMTY
;
_entity_poly.pdbx_strand_id   A
#
loop_
_chem_comp.id
_chem_comp.type
_chem_comp.name
_chem_comp.formula
AKG non-polymer '2-OXOGLUTARIC ACID' 'C5 H6 O5'
CO non-polymer 'COBALT (II) ION' 'Co 2'
#
# COMPACT_ATOMS: atom_id res chain seq x y z
N ALA A 13 -16.91 7.72 5.27
CA ALA A 13 -15.80 7.54 4.27
C ALA A 13 -15.51 6.06 4.00
N THR A 14 -16.20 5.50 3.01
CA THR A 14 -15.90 4.15 2.51
C THR A 14 -14.87 4.18 1.38
N THR A 15 -13.96 3.20 1.36
CA THR A 15 -13.07 3.03 0.22
C THR A 15 -13.88 2.94 -1.07
N ARG A 16 -13.53 3.75 -2.07
CA ARG A 16 -14.30 3.78 -3.32
C ARG A 16 -13.64 4.56 -4.43
N ILE A 17 -14.21 4.45 -5.62
CA ILE A 17 -13.75 5.23 -6.75
C ILE A 17 -14.32 6.62 -6.61
N LEU A 18 -13.44 7.62 -6.60
CA LEU A 18 -13.86 9.02 -6.62
C LEU A 18 -14.16 9.53 -8.02
N GLY A 19 -13.43 9.00 -8.99
CA GLY A 19 -13.61 9.43 -10.35
C GLY A 19 -12.71 8.60 -11.22
N VAL A 20 -12.77 8.87 -12.51
CA VAL A 20 -11.94 8.24 -13.48
C VAL A 20 -11.40 9.33 -14.42
N VAL A 21 -10.14 9.20 -14.80
CA VAL A 21 -9.56 10.08 -15.79
C VAL A 21 -9.05 9.34 -16.99
N GLN A 22 -9.00 10.05 -18.10
CA GLN A 22 -8.34 9.60 -19.30
C GLN A 22 -6.86 9.69 -19.04
N LEU A 23 -6.14 8.60 -19.26
CA LEU A 23 -4.68 8.69 -19.31
C LEU A 23 -4.23 8.74 -20.75
N ASP A 24 -3.27 9.61 -21.02
CA ASP A 24 -2.67 9.79 -22.34
C ASP A 24 -1.48 8.81 -22.39
N GLN A 25 -1.63 7.70 -23.12
CA GLN A 25 -0.63 6.63 -23.08
C GLN A 25 0.73 7.09 -23.57
N ARG A 26 0.79 8.01 -24.54
CA ARG A 26 2.09 8.43 -25.06
C ARG A 26 2.86 9.18 -23.99
N ARG A 27 2.19 10.12 -23.33
CA ARG A 27 2.88 10.97 -22.39
C ARG A 27 3.15 10.12 -21.15
N LEU A 28 2.24 9.19 -20.86
CA LEU A 28 2.40 8.28 -19.70
C LEU A 28 3.60 7.34 -19.88
N THR A 29 3.71 6.74 -21.05
CA THR A 29 4.83 5.84 -21.39
C THR A 29 6.17 6.52 -21.11
N ASP A 30 6.24 7.79 -21.46
CA ASP A 30 7.43 8.58 -21.32
C ASP A 30 7.85 8.73 -19.84
N ASP A 31 6.89 9.09 -19.00
CA ASP A 31 7.17 9.26 -17.57
C ASP A 31 7.42 7.89 -16.90
N LEU A 32 6.64 6.87 -17.25
CA LEU A 32 6.91 5.52 -16.73
C LEU A 32 8.33 5.03 -17.07
N ALA A 33 8.83 5.33 -18.29
CA ALA A 33 10.21 4.97 -18.68
C ALA A 33 11.24 5.65 -17.78
N VAL A 34 11.00 6.90 -17.45
CA VAL A 34 11.91 7.56 -16.48
C VAL A 34 11.84 6.86 -15.12
N LEU A 35 10.63 6.58 -14.62
CA LEU A 35 10.49 5.90 -13.30
C LEU A 35 11.12 4.48 -13.25
N ALA A 36 11.10 3.75 -14.36
CA ALA A 36 11.76 2.45 -14.40
C ALA A 36 13.25 2.54 -14.06
N LYS A 37 13.86 3.70 -14.25
CA LYS A 37 15.28 3.89 -14.00
C LYS A 37 15.56 4.79 -12.78
N SER A 38 14.51 5.19 -12.06
CA SER A 38 14.65 6.10 -10.95
C SER A 38 15.08 5.40 -9.65
N ASN A 39 15.78 6.14 -8.79
CA ASN A 39 16.15 5.66 -7.49
C ASN A 39 14.94 5.71 -6.56
N PHE A 40 14.44 4.56 -6.14
CA PHE A 40 13.32 4.51 -5.22
C PHE A 40 13.85 4.59 -3.77
N SER A 41 13.03 5.13 -2.87
CA SER A 41 13.37 5.26 -1.45
C SER A 41 13.39 3.89 -0.83
N SER A 42 14.27 3.69 0.14
CA SER A 42 14.21 2.52 0.99
C SER A 42 13.43 2.76 2.30
N GLU A 43 12.89 3.96 2.49
CA GLU A 43 12.08 4.22 3.70
C GLU A 43 10.82 3.36 3.69
N TYR A 44 10.43 2.87 4.86
CA TYR A 44 9.23 2.02 5.03
C TYR A 44 9.40 0.63 4.41
N SER A 45 10.63 0.25 4.10
CA SER A 45 10.94 -1.11 3.74
C SER A 45 10.59 -2.09 4.85
N ASP A 46 10.50 -1.62 6.12
CA ASP A 46 9.97 -2.50 7.15
C ASP A 46 8.54 -2.97 6.89
N PHE A 47 7.82 -2.27 6.01
CA PHE A 47 6.47 -2.68 5.62
C PHE A 47 6.44 -3.59 4.39
N ALA A 48 7.58 -3.80 3.72
CA ALA A 48 7.59 -4.42 2.39
C ALA A 48 7.88 -5.90 2.59
N CYS A 49 7.11 -6.74 1.90
CA CYS A 49 7.51 -8.12 1.68
C CYS A 49 8.02 -8.23 0.24
N GLY A 50 9.32 -8.17 0.02
CA GLY A 50 9.85 -8.08 -1.33
C GLY A 50 9.84 -6.65 -1.84
N ARG A 51 9.75 -6.50 -3.16
CA ARG A 51 9.91 -5.21 -3.76
C ARG A 51 8.60 -4.42 -3.81
N TRP A 52 8.19 -3.91 -2.64
CA TRP A 52 7.18 -2.87 -2.50
C TRP A 52 7.99 -1.62 -2.13
N GLU A 53 7.88 -0.57 -2.94
CA GLU A 53 8.72 0.62 -2.71
C GLU A 53 8.08 1.87 -3.31
N PHE A 54 8.50 3.07 -2.84
CA PHE A 54 7.97 4.30 -3.45
C PHE A 54 9.07 5.32 -3.70
N CYS A 55 8.75 6.39 -4.46
CA CYS A 55 9.60 7.58 -4.56
C CYS A 55 8.76 8.84 -4.40
N MET A 56 9.40 9.92 -3.92
CA MET A 56 8.74 11.19 -3.70
C MET A 56 8.65 12.06 -4.94
N LEU A 57 7.42 12.40 -5.34
CA LEU A 57 7.19 13.39 -6.39
C LEU A 57 6.93 14.81 -5.81
N ARG A 58 6.26 14.88 -4.66
CA ARG A 58 6.02 16.15 -3.98
C ARG A 58 6.06 15.86 -2.49
N ASN A 59 6.62 16.80 -1.75
CA ASN A 59 6.67 16.67 -0.32
C ASN A 59 6.77 18.07 0.30
N GLN A 60 7.06 18.10 1.58
CA GLN A 60 7.15 19.35 2.35
C GLN A 60 8.12 20.41 1.81
N SER A 61 9.36 19.97 1.58
CA SER A 61 10.49 20.83 1.28
C SER A 61 10.82 20.90 -0.20
N GLY A 62 10.31 19.94 -0.98
CA GLY A 62 10.72 19.81 -2.37
C GLY A 62 12.08 19.16 -2.54
N LYS A 63 12.66 18.61 -1.48
CA LYS A 63 14.00 18.03 -1.52
C LYS A 63 13.89 16.51 -1.62
N GLN A 64 14.76 15.92 -2.44
CA GLN A 64 14.68 14.46 -2.69
C GLN A 64 15.00 13.70 -1.43
N GLU A 65 15.79 14.32 -0.56
CA GLU A 65 16.19 13.65 0.67
C GLU A 65 15.04 13.43 1.68
N GLU A 66 13.92 14.13 1.50
CA GLU A 66 12.84 14.07 2.50
C GLU A 66 11.90 12.93 2.09
N GLN A 67 12.03 11.77 2.73
CA GLN A 67 11.33 10.56 2.29
C GLN A 67 10.47 9.89 3.39
N ARG A 68 10.29 10.53 4.53
CA ARG A 68 9.27 10.02 5.43
C ARG A 68 8.15 11.02 5.53
N VAL A 69 6.98 10.56 5.98
CA VAL A 69 5.79 11.39 5.97
C VAL A 69 5.41 11.80 7.41
N VAL A 70 4.99 13.06 7.55
CA VAL A 70 4.43 13.56 8.80
C VAL A 70 3.24 14.42 8.44
N VAL A 71 2.34 14.66 9.38
CA VAL A 71 1.27 15.61 9.12
C VAL A 71 1.89 17.00 9.09
N HIS A 72 1.62 17.77 8.04
CA HIS A 72 2.10 19.15 7.96
C HIS A 72 1.09 20.08 7.23
N GLU A 73 1.40 21.36 7.08
CA GLU A 73 0.43 22.35 6.55
C GLU A 73 0.83 22.99 5.21
N THR A 74 1.86 22.45 4.57
CA THR A 74 2.47 23.08 3.39
C THR A 74 1.93 22.46 2.09
N PRO A 75 1.43 23.30 1.19
CA PRO A 75 1.15 22.83 -0.14
C PRO A 75 2.42 22.16 -0.69
N ALA A 76 2.34 20.87 -0.96
CA ALA A 76 3.52 20.07 -1.24
C ALA A 76 4.23 20.63 -2.48
N LEU A 77 5.54 20.51 -2.50
CA LEU A 77 6.36 21.05 -3.57
C LEU A 77 6.99 19.92 -4.33
N ALA A 78 7.06 20.10 -5.64
CA ALA A 78 7.68 19.09 -6.47
C ALA A 78 9.17 18.90 -6.19
N THR A 79 9.56 17.65 -6.01
CA THR A 79 10.96 17.25 -5.93
C THR A 79 11.61 17.31 -7.32
N PRO A 80 12.95 17.19 -7.39
CA PRO A 80 13.56 17.14 -8.71
C PRO A 80 12.98 15.99 -9.57
N LEU A 81 12.73 14.85 -8.94
CA LEU A 81 12.04 13.72 -9.60
C LEU A 81 10.67 14.14 -10.09
N GLY A 82 9.84 14.64 -9.18
CA GLY A 82 8.59 15.31 -9.55
C GLY A 82 8.67 16.17 -10.81
N GLN A 83 9.64 17.08 -10.84
CA GLN A 83 9.81 18.04 -11.92
C GLN A 83 10.16 17.33 -13.25
N SER A 84 10.87 16.20 -13.15
CA SER A 84 11.30 15.46 -14.35
C SER A 84 10.18 14.56 -14.90
N LEU A 85 9.02 14.56 -14.25
CA LEU A 85 7.84 13.80 -14.75
C LEU A 85 6.69 14.73 -15.15
N PRO A 86 6.79 15.35 -16.35
CA PRO A 86 5.88 16.49 -16.58
C PRO A 86 4.40 16.12 -16.76
N TYR A 87 4.14 14.93 -17.28
CA TYR A 87 2.75 14.48 -17.41
C TYR A 87 2.15 14.15 -16.05
N LEU A 88 2.91 13.47 -15.21
CA LEU A 88 2.42 13.18 -13.84
C LEU A 88 2.26 14.48 -13.03
N ASN A 89 3.16 15.42 -13.24
CA ASN A 89 3.00 16.75 -12.71
C ASN A 89 1.69 17.41 -13.17
N GLU A 90 1.36 17.27 -14.45
CA GLU A 90 0.15 17.84 -15.01
C GLU A 90 -1.12 17.21 -14.40
N LEU A 91 -1.09 15.90 -14.24
CA LEU A 91 -2.19 15.18 -13.61
C LEU A 91 -2.43 15.67 -12.19
N LEU A 92 -1.36 15.85 -11.45
CA LEU A 92 -1.46 16.35 -10.11
C LEU A 92 -2.06 17.75 -10.09
N ASP A 93 -1.60 18.62 -10.99
CA ASP A 93 -2.13 19.98 -11.15
C ASP A 93 -3.62 20.02 -11.49
N ASN A 94 -4.07 19.12 -12.36
CA ASN A 94 -5.41 19.18 -12.93
C ASN A 94 -6.49 18.42 -12.16
N HIS A 95 -6.13 17.41 -11.37
CA HIS A 95 -7.15 16.57 -10.71
C HIS A 95 -7.21 16.68 -9.19
N PHE A 96 -6.38 17.56 -8.63
CA PHE A 96 -6.35 17.85 -7.21
C PHE A 96 -6.14 19.34 -6.98
N ASP A 97 -6.47 19.76 -5.77
CA ASP A 97 -6.25 21.12 -5.31
C ASP A 97 -4.83 21.21 -4.74
N ARG A 98 -4.01 22.08 -5.34
CA ARG A 98 -2.59 22.17 -5.01
C ARG A 98 -2.35 22.32 -3.53
N ASP A 99 -3.10 23.24 -2.91
CA ASP A 99 -2.85 23.58 -1.52
C ASP A 99 -3.28 22.48 -0.54
N SER A 100 -4.07 21.51 -1.03
CA SER A 100 -4.52 20.39 -0.20
C SER A 100 -3.54 19.20 -0.23
N ILE A 101 -2.66 19.16 -1.22
CA ILE A 101 -1.70 18.06 -1.33
C ILE A 101 -0.62 18.21 -0.28
N ARG A 102 -0.35 17.12 0.45
CA ARG A 102 0.76 17.08 1.40
C ARG A 102 1.93 16.20 0.91
N TYR A 103 1.62 15.09 0.25
CA TYR A 103 2.62 14.29 -0.49
C TYR A 103 2.04 13.74 -1.77
N ALA A 104 2.93 13.49 -2.72
CA ALA A 104 2.61 12.71 -3.90
C ALA A 104 3.79 11.78 -4.14
N ARG A 105 3.47 10.51 -4.27
CA ARG A 105 4.45 9.47 -4.48
C ARG A 105 4.06 8.55 -5.63
N ILE A 106 5.05 7.85 -6.15
CA ILE A 106 4.82 6.70 -7.01
C ILE A 106 5.14 5.47 -6.21
N ILE A 107 4.21 4.51 -6.23
CA ILE A 107 4.36 3.30 -5.39
C ILE A 107 4.31 2.15 -6.35
N ARG A 108 5.41 1.43 -6.43
CA ARG A 108 5.59 0.32 -7.33
C ARG A 108 5.73 -0.96 -6.55
N ILE A 109 5.01 -1.98 -7.05
CA ILE A 109 5.13 -3.31 -6.52
C ILE A 109 5.52 -4.21 -7.72
N SER A 110 6.58 -5.00 -7.53
CA SER A 110 7.16 -5.79 -8.55
C SER A 110 6.69 -7.21 -8.30
N GLU A 111 7.08 -8.14 -9.17
CA GLU A 111 6.53 -9.51 -9.15
C GLU A 111 6.57 -10.18 -7.77
N ASN A 112 5.43 -10.74 -7.36
CA ASN A 112 5.30 -11.52 -6.12
C ASN A 112 5.70 -10.75 -4.85
N ALA A 113 5.49 -9.44 -4.84
CA ALA A 113 5.73 -8.59 -3.69
C ALA A 113 4.43 -8.03 -3.17
N CYS A 114 4.41 -7.68 -1.88
CA CYS A 114 3.26 -7.04 -1.26
C CYS A 114 3.72 -6.13 -0.14
N ILE A 115 2.83 -5.24 0.28
CA ILE A 115 3.00 -4.51 1.50
C ILE A 115 2.30 -5.36 2.57
N ILE A 116 2.99 -5.57 3.68
CA ILE A 116 2.44 -6.40 4.75
C ILE A 116 1.12 -5.78 5.25
N PRO A 117 0.09 -6.60 5.54
CA PRO A 117 -1.14 -6.07 6.17
C PRO A 117 -0.88 -5.11 7.34
N HIS A 118 -1.48 -3.93 7.24
CA HIS A 118 -1.21 -2.85 8.16
C HIS A 118 -2.35 -1.87 8.20
N ARG A 119 -2.26 -0.94 9.14
CA ARG A 119 -3.06 0.26 9.12
C ARG A 119 -2.04 1.38 9.06
N ASP A 120 -2.39 2.46 8.41
CA ASP A 120 -1.53 3.61 8.36
C ASP A 120 -1.92 4.58 9.45
N TYR A 121 -1.13 5.64 9.55
CA TYR A 121 -1.46 6.85 10.32
C TYR A 121 -1.28 6.70 11.84
N LEU A 122 -0.91 5.52 12.30
CA LEU A 122 -0.81 5.26 13.72
C LEU A 122 0.25 6.15 14.35
N GLU A 123 1.32 6.41 13.61
CA GLU A 123 2.46 7.20 14.11
C GLU A 123 2.29 8.68 13.83
N LEU A 124 1.13 9.05 13.27
CA LEU A 124 0.91 10.40 12.83
C LEU A 124 -0.07 11.10 13.78
N GLU A 125 0.25 12.35 14.05
CA GLU A 125 -0.61 13.31 14.74
C GLU A 125 -1.71 13.72 13.77
N GLY A 126 -2.70 12.86 13.62
CA GLY A 126 -3.79 13.03 12.67
C GLY A 126 -3.67 11.96 11.59
N LYS A 127 -4.24 12.27 10.43
CA LYS A 127 -4.45 11.32 9.34
C LYS A 127 -4.23 12.10 8.05
N PHE A 128 -4.05 11.37 6.96
CA PHE A 128 -4.26 11.93 5.63
C PHE A 128 -5.53 11.32 5.07
N ILE A 129 -6.00 11.95 4.00
CA ILE A 129 -6.93 11.32 3.07
C ILE A 129 -6.05 10.80 1.92
N ARG A 130 -5.98 9.48 1.79
CA ARG A 130 -5.10 8.84 0.79
C ARG A 130 -5.83 8.45 -0.49
N VAL A 131 -5.28 8.93 -1.60
CA VAL A 131 -5.89 8.77 -2.89
C VAL A 131 -4.90 8.09 -3.87
N HIS A 132 -5.41 7.09 -4.58
CA HIS A 132 -4.63 6.39 -5.59
C HIS A 132 -5.16 6.70 -6.98
N LEU A 133 -4.27 7.11 -7.89
CA LEU A 133 -4.56 7.18 -9.30
C LEU A 133 -3.73 6.07 -9.95
N VAL A 134 -4.41 5.09 -10.52
CA VAL A 134 -3.71 3.91 -11.04
C VAL A 134 -3.09 4.26 -12.39
N LEU A 135 -1.79 4.03 -12.53
CA LEU A 135 -1.07 4.36 -13.77
C LEU A 135 -0.84 3.14 -14.64
N ASP A 136 -0.43 2.03 -14.05
CA ASP A 136 -0.02 0.84 -14.77
C ASP A 136 -0.26 -0.39 -13.91
N THR A 137 -1.17 -1.25 -14.34
CA THR A 137 -1.56 -2.38 -13.54
C THR A 137 -1.96 -3.56 -14.45
N ASN A 138 -2.45 -4.63 -13.86
CA ASN A 138 -3.03 -5.73 -14.63
C ASN A 138 -3.88 -6.56 -13.71
N GLU A 139 -4.53 -7.56 -14.29
CA GLU A 139 -5.45 -8.43 -13.60
C GLU A 139 -4.86 -9.20 -12.43
N LYS A 140 -3.55 -9.36 -12.36
CA LYS A 140 -2.95 -10.11 -11.25
C LYS A 140 -2.42 -9.18 -10.15
N CYS A 141 -2.92 -7.96 -10.12
CA CYS A 141 -2.62 -7.02 -9.04
C CYS A 141 -3.89 -6.78 -8.23
N SER A 142 -3.75 -6.82 -6.92
CA SER A 142 -4.89 -6.70 -6.02
C SER A 142 -4.63 -5.74 -4.91
N ASN A 143 -5.69 -5.08 -4.46
CA ASN A 143 -5.69 -4.47 -3.15
C ASN A 143 -6.71 -5.19 -2.27
N THR A 144 -6.45 -5.16 -0.97
CA THR A 144 -7.32 -5.83 -0.02
C THR A 144 -7.68 -4.89 1.12
N GLU A 145 -8.82 -5.15 1.73
CA GLU A 145 -9.28 -4.40 2.89
C GLU A 145 -10.12 -5.32 3.76
N GLU A 146 -9.72 -5.50 5.02
CA GLU A 146 -10.45 -6.44 5.88
C GLU A 146 -10.63 -7.82 5.18
N ASN A 147 -11.86 -8.22 4.95
CA ASN A 147 -12.18 -9.47 4.28
C ASN A 147 -12.32 -9.38 2.78
N ASN A 148 -12.11 -8.20 2.20
CA ASN A 148 -12.37 -8.05 0.78
C ASN A 148 -11.13 -7.92 -0.06
N ILE A 149 -11.28 -8.24 -1.33
CA ILE A 149 -10.19 -8.07 -2.30
C ILE A 149 -10.81 -7.39 -3.50
N PHE A 150 -10.08 -6.46 -4.08
CA PHE A 150 -10.58 -5.71 -5.23
C PHE A 150 -9.41 -5.29 -6.12
N HIS A 151 -9.73 -4.87 -7.34
CA HIS A 151 -8.72 -4.44 -8.31
C HIS A 151 -8.97 -3.00 -8.59
N MET A 152 -7.93 -2.17 -8.49
CA MET A 152 -8.06 -0.78 -8.86
C MET A 152 -7.57 -0.68 -10.29
N GLY A 153 -8.44 -0.24 -11.17
CA GLY A 153 -8.13 -0.19 -12.60
C GLY A 153 -7.43 1.06 -13.03
N ARG A 154 -6.71 0.94 -14.14
CA ARG A 154 -6.01 2.04 -14.80
C ARG A 154 -6.92 3.23 -15.03
N GLY A 155 -6.45 4.42 -14.67
CA GLY A 155 -7.22 5.64 -14.79
C GLY A 155 -8.21 5.92 -13.66
N GLU A 156 -8.41 4.95 -12.77
CA GLU A 156 -9.32 5.13 -11.64
C GLU A 156 -8.65 5.88 -10.51
N ILE A 157 -9.37 6.83 -9.93
CA ILE A 157 -8.95 7.53 -8.74
C ILE A 157 -9.77 7.01 -7.56
N TRP A 158 -9.08 6.37 -6.65
CA TRP A 158 -9.68 5.69 -5.47
C TRP A 158 -9.30 6.41 -4.20
N PHE A 159 -10.26 6.55 -3.30
CA PHE A 159 -10.01 6.88 -1.90
C PHE A 159 -9.80 5.57 -1.19
N LEU A 160 -8.68 5.48 -0.48
CA LEU A 160 -8.35 4.32 0.32
C LEU A 160 -8.49 4.68 1.79
N ASP A 161 -9.39 3.99 2.48
CA ASP A 161 -9.49 4.17 3.93
C ASP A 161 -8.36 3.41 4.62
N ALA A 162 -7.19 4.05 4.64
CA ALA A 162 -5.98 3.43 5.14
C ALA A 162 -5.96 3.25 6.67
N SER A 163 -6.96 3.75 7.38
CA SER A 163 -7.04 3.50 8.79
C SER A 163 -7.59 2.08 9.07
N LEU A 164 -8.18 1.43 8.07
CA LEU A 164 -8.62 0.04 8.18
C LEU A 164 -7.50 -0.93 7.72
N PRO A 165 -7.52 -2.17 8.25
CA PRO A 165 -6.51 -3.14 7.81
C PRO A 165 -6.61 -3.44 6.31
N HIS A 166 -5.47 -3.29 5.64
CA HIS A 166 -5.36 -3.41 4.18
C HIS A 166 -3.95 -3.82 3.72
N SER A 167 -3.86 -4.22 2.46
CA SER A 167 -2.62 -4.62 1.84
C SER A 167 -2.79 -4.43 0.34
N ALA A 168 -1.73 -4.74 -0.40
CA ALA A 168 -1.69 -4.61 -1.85
C ALA A 168 -0.56 -5.49 -2.34
N GLY A 169 -0.78 -6.19 -3.43
CA GLY A 169 0.21 -7.10 -4.02
C GLY A 169 0.21 -7.06 -5.54
N CYS A 170 1.34 -7.49 -6.09
CA CYS A 170 1.48 -7.69 -7.52
C CYS A 170 1.98 -9.12 -7.76
N PHE A 171 1.25 -9.88 -8.55
CA PHE A 171 1.61 -11.25 -8.82
C PHE A 171 1.80 -11.50 -10.31
N SER A 172 2.29 -10.48 -11.02
CA SER A 172 2.60 -10.55 -12.44
C SER A 172 4.10 -10.28 -12.70
N PRO A 173 4.63 -10.83 -13.81
CA PRO A 173 6.01 -10.45 -14.18
C PRO A 173 6.21 -8.94 -14.30
N THR A 174 5.18 -8.22 -14.73
CA THR A 174 5.17 -6.77 -14.96
C THR A 174 4.87 -5.98 -13.63
N PRO A 175 5.64 -4.94 -13.31
CA PRO A 175 5.36 -4.22 -12.07
C PRO A 175 4.11 -3.33 -12.17
N ARG A 176 3.54 -2.97 -11.01
CA ARG A 176 2.33 -2.20 -10.89
C ARG A 176 2.68 -0.83 -10.29
N LEU A 177 2.29 0.26 -10.93
CA LEU A 177 2.59 1.60 -10.43
C LEU A 177 1.30 2.42 -10.24
N HIS A 178 1.19 2.97 -9.03
CA HIS A 178 0.08 3.85 -8.64
C HIS A 178 0.68 5.19 -8.24
N LEU A 179 0.00 6.26 -8.66
CA LEU A 179 0.29 7.60 -8.18
C LEU A 179 -0.55 7.74 -6.88
N VAL A 180 0.13 7.99 -5.77
CA VAL A 180 -0.51 8.02 -4.45
C VAL A 180 -0.33 9.41 -3.87
N VAL A 181 -1.46 10.04 -3.56
CA VAL A 181 -1.53 11.41 -3.10
C VAL A 181 -2.09 11.42 -1.67
N ASP A 182 -1.36 12.07 -0.77
CA ASP A 182 -1.85 12.30 0.58
C ASP A 182 -2.39 13.70 0.65
N ILE A 183 -3.72 13.78 0.80
CA ILE A 183 -4.46 15.05 0.93
C ILE A 183 -4.66 15.36 2.42
N GLU A 184 -4.49 16.63 2.80
CA GLU A 184 -4.66 17.07 4.19
C GLU A 184 -5.96 16.47 4.77
N GLY A 185 -5.87 15.97 5.99
CA GLY A 185 -6.87 15.03 6.52
C GLY A 185 -8.25 15.57 6.87
N THR A 186 -8.41 16.89 6.94
CA THR A 186 -9.72 17.48 7.26
C THR A 186 -10.50 17.95 6.02
N ARG A 187 -9.95 17.72 4.83
CA ARG A 187 -10.62 18.13 3.60
C ARG A 187 -11.87 17.29 3.39
N SER A 188 -12.84 17.86 2.68
CA SER A 188 -14.06 17.16 2.30
C SER A 188 -13.78 16.20 1.16
N LEU A 189 -14.03 14.91 1.38
CA LEU A 189 -13.72 13.85 0.41
C LEU A 189 -14.37 14.06 -0.98
N GLU A 190 -15.63 14.48 -1.00
CA GLU A 190 -16.35 14.73 -2.26
C GLU A 190 -15.69 15.84 -3.09
N GLU A 191 -14.94 16.72 -2.43
CA GLU A 191 -14.26 17.85 -3.08
C GLU A 191 -12.85 17.55 -3.59
N VAL A 192 -12.32 16.36 -3.29
CA VAL A 192 -10.90 16.08 -3.53
C VAL A 192 -10.55 15.95 -5.00
N ALA A 193 -11.29 15.11 -5.71
CA ALA A 193 -11.03 14.84 -7.11
C ALA A 193 -11.63 15.96 -7.97
N ILE A 194 -10.82 16.59 -8.80
CA ILE A 194 -11.25 17.71 -9.64
C ILE A 194 -11.14 17.31 -11.11
N ASN A 195 -12.06 17.81 -11.93
CA ASN A 195 -12.03 17.53 -13.36
C ASN A 195 -12.02 16.04 -13.68
N VAL A 196 -12.87 15.29 -12.99
CA VAL A 196 -12.99 13.84 -13.20
C VAL A 196 -14.35 13.49 -13.75
N GLU A 197 -14.41 12.39 -14.49
CA GLU A 197 -15.67 11.82 -14.94
C GLU A 197 -16.22 10.97 -13.79
N GLN A 198 -17.53 11.05 -13.57
CA GLN A 198 -18.19 10.12 -12.64
C GLN A 198 -18.11 8.71 -13.24
N PRO A 199 -17.67 7.74 -12.43
CA PRO A 199 -17.60 6.40 -12.97
C PRO A 199 -19.00 5.81 -13.10
N SER A 200 -19.26 5.06 -14.13
CA SER A 200 -20.52 4.36 -14.22
C SER A 200 -20.49 3.17 -13.29
N ALA A 201 -21.65 2.68 -12.93
CA ALA A 201 -21.73 1.44 -12.18
C ALA A 201 -21.18 0.34 -13.08
N ARG A 202 -20.72 -0.73 -12.46
CA ARG A 202 -20.15 -1.83 -13.23
C ARG A 202 -20.48 -3.15 -12.57
N ASN A 203 -20.10 -4.24 -13.22
CA ASN A 203 -20.21 -5.56 -12.58
C ASN A 203 -19.43 -5.56 -11.30
N ALA A 204 -19.99 -6.12 -10.24
CA ALA A 204 -19.20 -6.34 -9.02
C ALA A 204 -18.06 -7.29 -9.37
N THR A 205 -16.90 -7.13 -8.77
CA THR A 205 -15.89 -8.15 -9.03
C THR A 205 -16.08 -9.22 -8.01
N VAL A 206 -16.24 -10.46 -8.45
CA VAL A 206 -16.45 -11.53 -7.51
C VAL A 206 -15.09 -12.01 -7.01
N ASP A 207 -15.10 -12.35 -5.74
CA ASP A 207 -13.94 -12.81 -5.03
C ASP A 207 -13.66 -14.25 -5.51
N THR A 208 -12.57 -14.39 -6.26
CA THR A 208 -12.17 -15.67 -6.84
C THR A 208 -11.25 -16.53 -5.91
N ARG A 209 -10.94 -16.05 -4.71
CA ARG A 209 -10.05 -16.77 -3.79
C ARG A 209 -10.64 -18.08 -3.29
N LYS A 210 -9.78 -18.96 -2.79
CA LYS A 210 -10.20 -20.27 -2.34
C LYS A 210 -10.81 -20.18 -0.96
N GLU A 211 -11.80 -21.02 -0.71
CA GLU A 211 -12.38 -21.14 0.61
C GLU A 211 -11.30 -21.58 1.59
N TRP A 212 -11.30 -21.00 2.78
CA TRP A 212 -10.34 -21.38 3.81
C TRP A 212 -10.89 -22.63 4.47
N THR A 213 -10.01 -23.59 4.78
CA THR A 213 -10.45 -24.89 5.32
C THR A 213 -9.58 -25.28 6.51
N ASP A 214 -10.07 -26.22 7.30
CA ASP A 214 -9.29 -26.77 8.41
C ASP A 214 -7.95 -27.36 7.94
N GLU A 215 -7.93 -27.93 6.74
CA GLU A 215 -6.69 -28.47 6.16
C GLU A 215 -5.68 -27.37 5.94
N THR A 216 -6.06 -26.32 5.23
CA THR A 216 -5.15 -25.21 4.98
C THR A 216 -4.66 -24.60 6.29
N LEU A 217 -5.56 -24.45 7.24
CA LEU A 217 -5.19 -23.93 8.55
C LEU A 217 -4.17 -24.83 9.28
N GLU A 218 -4.42 -26.12 9.36
CA GLU A 218 -3.48 -27.02 10.05
C GLU A 218 -2.10 -27.03 9.39
N SER A 219 -2.10 -26.98 8.08
CA SER A 219 -0.88 -26.85 7.29
C SER A 219 -0.08 -25.59 7.66
N VAL A 220 -0.75 -24.46 7.79
CA VAL A 220 -0.10 -23.22 8.21
C VAL A 220 0.43 -23.35 9.63
N LEU A 221 -0.40 -23.87 10.54
CA LEU A 221 0.01 -23.98 11.94
C LEU A 221 1.13 -25.01 12.11
N GLY A 222 1.25 -25.92 11.15
CA GLY A 222 2.36 -26.88 11.11
C GLY A 222 3.76 -26.28 11.07
N PHE A 223 3.88 -24.99 10.75
CA PHE A 223 5.18 -24.35 10.72
C PHE A 223 5.74 -24.14 12.10
N SER A 224 4.95 -24.43 13.12
CA SER A 224 5.43 -24.43 14.48
C SER A 224 6.60 -25.37 14.62
N GLU A 225 6.65 -26.43 13.80
CA GLU A 225 7.73 -27.42 13.89
C GLU A 225 9.04 -26.91 13.32
N ILE A 226 9.00 -25.92 12.44
CA ILE A 226 10.26 -25.46 11.80
C ILE A 226 10.59 -23.99 12.01
N ILE A 227 9.64 -23.18 12.46
CA ILE A 227 9.89 -21.75 12.57
C ILE A 227 11.08 -21.49 13.47
N SER A 228 11.94 -20.55 13.04
CA SER A 228 13.09 -20.13 13.81
C SER A 228 13.50 -18.74 13.43
N GLU A 229 14.49 -18.19 14.09
CA GLU A 229 14.99 -16.88 13.68
C GLU A 229 15.52 -16.92 12.24
N ALA A 230 16.02 -18.08 11.82
CA ALA A 230 16.63 -18.24 10.49
C ALA A 230 15.65 -18.14 9.30
N ASN A 231 14.39 -18.49 9.51
CA ASN A 231 13.36 -18.44 8.46
C ASN A 231 12.16 -17.55 8.78
N TYR A 232 12.27 -16.74 9.81
CA TYR A 232 11.13 -15.96 10.27
C TYR A 232 10.62 -15.03 9.18
N ARG A 233 11.54 -14.35 8.49
CA ARG A 233 11.17 -13.42 7.44
C ARG A 233 10.41 -14.08 6.30
N GLU A 234 10.88 -15.25 5.85
CA GLU A 234 10.22 -15.97 4.79
C GLU A 234 8.84 -16.40 5.20
N ILE A 235 8.68 -16.87 6.44
CA ILE A 235 7.38 -17.32 6.93
C ILE A 235 6.41 -16.14 7.04
N VAL A 236 6.89 -15.00 7.50
CA VAL A 236 6.01 -13.85 7.58
C VAL A 236 5.50 -13.46 6.15
N ALA A 237 6.40 -13.46 5.17
CA ALA A 237 6.02 -13.12 3.81
C ALA A 237 4.97 -14.12 3.24
N ILE A 238 5.16 -15.40 3.47
CA ILE A 238 4.21 -16.41 3.01
C ILE A 238 2.84 -16.15 3.63
N LEU A 239 2.82 -15.94 4.93
CA LEU A 239 1.57 -15.68 5.64
C LEU A 239 0.88 -14.46 5.10
N ALA A 240 1.64 -13.37 4.88
CA ALA A 240 1.12 -12.10 4.37
C ALA A 240 0.46 -12.26 3.02
N LYS A 241 1.05 -13.12 2.19
CA LYS A 241 0.52 -13.33 0.84
C LYS A 241 -0.72 -14.25 0.72
N LEU A 242 -1.01 -15.05 1.74
CA LEU A 242 -2.11 -16.00 1.66
C LEU A 242 -3.47 -15.35 1.38
N HIS A 243 -3.74 -14.20 1.98
CA HIS A 243 -5.09 -13.59 1.84
C HIS A 243 -5.36 -13.02 0.44
N PHE A 244 -4.34 -12.99 -0.42
CA PHE A 244 -4.55 -12.62 -1.83
C PHE A 244 -5.16 -13.78 -2.64
N PHE A 245 -5.07 -15.00 -2.09
CA PHE A 245 -5.51 -16.21 -2.78
C PHE A 245 -6.49 -17.09 -2.01
N HIS A 246 -6.73 -16.78 -0.73
CA HIS A 246 -7.65 -17.52 0.13
C HIS A 246 -8.59 -16.52 0.80
N LYS A 247 -9.84 -16.92 1.02
CA LYS A 247 -10.86 -16.05 1.63
C LYS A 247 -10.69 -16.00 3.15
N VAL A 248 -9.87 -15.06 3.59
CA VAL A 248 -9.53 -14.86 5.00
C VAL A 248 -9.34 -13.35 5.19
N HIS A 249 -9.27 -12.92 6.43
CA HIS A 249 -9.11 -11.51 6.75
C HIS A 249 -7.65 -11.09 6.60
N CYS A 250 -7.45 -9.82 6.22
CA CYS A 250 -6.13 -9.16 6.20
C CYS A 250 -5.26 -9.43 7.38
N VAL A 251 -5.89 -9.43 8.55
CA VAL A 251 -5.14 -9.49 9.79
C VAL A 251 -4.92 -10.91 10.29
N ASP A 252 -5.61 -11.89 9.72
CA ASP A 252 -5.52 -13.27 10.22
C ASP A 252 -4.09 -13.81 10.28
N MET A 253 -3.21 -13.31 9.39
CA MET A 253 -1.81 -13.70 9.39
C MET A 253 -1.13 -13.59 10.76
N TYR A 254 -1.53 -12.59 11.54
CA TYR A 254 -0.89 -12.31 12.81
C TYR A 254 -1.36 -13.33 13.86
N GLY A 255 -2.64 -13.65 13.86
CA GLY A 255 -3.14 -14.75 14.69
C GLY A 255 -2.44 -16.06 14.39
N TRP A 256 -2.24 -16.34 13.09
CA TRP A 256 -1.58 -17.59 12.69
C TRP A 256 -0.15 -17.62 13.23
N LEU A 257 0.57 -16.52 13.03
CA LEU A 257 1.96 -16.41 13.48
C LEU A 257 2.06 -16.56 15.01
N LYS A 258 1.20 -15.88 15.73
CA LYS A 258 1.18 -16.02 17.18
C LYS A 258 0.95 -17.46 17.64
N GLU A 259 0.08 -18.19 16.95
CA GLU A 259 -0.24 -19.56 17.34
C GLU A 259 0.89 -20.52 16.90
N ILE A 260 1.46 -20.27 15.74
CA ILE A 260 2.66 -20.96 15.30
C ILE A 260 3.76 -20.81 16.35
N CYS A 261 4.01 -19.59 16.83
CA CYS A 261 5.07 -19.40 17.82
C CYS A 261 4.68 -19.92 19.24
N ARG A 262 3.41 -19.83 19.64
CA ARG A 262 3.01 -20.40 20.92
C ARG A 262 3.30 -21.89 20.92
N ARG A 263 2.91 -22.57 19.84
CA ARG A 263 3.16 -24.02 19.74
C ARG A 263 4.65 -24.35 19.71
N ARG A 264 5.45 -23.53 19.03
CA ARG A 264 6.91 -23.72 19.02
C ARG A 264 7.50 -23.60 20.45
N GLY A 265 7.00 -22.63 21.22
CA GLY A 265 7.33 -22.49 22.63
C GLY A 265 8.58 -21.69 22.98
N GLU A 266 9.24 -21.12 21.97
CA GLU A 266 10.44 -20.28 22.20
C GLU A 266 10.05 -18.84 22.50
N PRO A 267 10.45 -18.32 23.68
CA PRO A 267 10.01 -16.97 24.06
C PRO A 267 10.36 -15.88 23.07
N ALA A 268 11.57 -15.91 22.50
CA ALA A 268 12.00 -14.88 21.55
C ALA A 268 11.06 -14.74 20.35
N LEU A 269 10.58 -15.86 19.84
CA LEU A 269 9.75 -15.86 18.65
C LEU A 269 8.33 -15.38 18.97
N ILE A 270 7.86 -15.70 20.18
CA ILE A 270 6.53 -15.28 20.66
C ILE A 270 6.48 -13.76 20.82
N GLU A 271 7.49 -13.19 21.50
CA GLU A 271 7.63 -11.75 21.65
C GLU A 271 7.68 -10.98 20.33
N LYS A 272 8.39 -11.54 19.35
CA LYS A 272 8.52 -10.94 18.02
C LYS A 272 7.15 -10.88 17.34
N ALA A 273 6.45 -12.01 17.41
CA ALA A 273 5.12 -12.12 16.84
C ALA A 273 4.18 -11.10 17.48
N ASN A 274 4.24 -10.91 18.80
CA ASN A 274 3.41 -9.91 19.44
C ASN A 274 3.79 -8.52 18.95
N SER A 275 5.09 -8.25 18.80
CA SER A 275 5.55 -6.90 18.39
C SER A 275 5.18 -6.60 16.93
N LEU A 276 5.23 -7.63 16.12
CA LEU A 276 4.90 -7.50 14.70
C LEU A 276 3.46 -6.98 14.55
N GLU A 277 2.53 -7.71 15.14
CA GLU A 277 1.14 -7.38 15.06
C GLU A 277 0.87 -5.98 15.62
N ARG A 278 1.45 -5.73 16.78
CA ARG A 278 1.33 -4.44 17.43
C ARG A 278 1.79 -3.29 16.54
N PHE A 279 2.99 -3.42 15.98
CA PHE A 279 3.57 -2.37 15.14
C PHE A 279 2.70 -2.05 13.93
N TYR A 280 2.27 -3.11 13.23
CA TYR A 280 1.55 -2.92 11.96
C TYR A 280 0.11 -2.49 12.16
N LEU A 281 -0.52 -2.95 13.24
CA LEU A 281 -1.96 -2.78 13.43
C LEU A 281 -2.39 -1.97 14.64
N ILE A 282 -1.57 -1.91 15.70
CA ILE A 282 -2.06 -1.36 16.99
C ILE A 282 -1.42 -0.03 17.39
N ASP A 283 -0.10 0.03 17.46
CA ASP A 283 0.57 1.18 18.05
C ASP A 283 2.01 1.27 17.58
N ARG A 284 2.42 2.45 17.12
CA ARG A 284 3.83 2.74 16.84
C ARG A 284 4.09 4.25 16.92
N ALA A 285 5.33 4.62 17.27
CA ALA A 285 5.75 6.00 17.41
C ALA A 285 6.36 6.59 16.14
N ALA A 286 6.48 7.92 16.12
CA ALA A 286 7.02 8.62 14.98
C ALA A 286 8.46 8.17 14.78
N GLY A 287 8.84 7.85 13.56
CA GLY A 287 10.21 7.39 13.30
C GLY A 287 10.58 5.97 13.73
N GLU A 288 9.64 5.28 14.39
CA GLU A 288 9.88 3.91 14.82
C GLU A 288 9.88 2.96 13.61
N VAL A 289 10.85 2.04 13.61
CA VAL A 289 11.05 1.08 12.52
C VAL A 289 10.98 -0.36 13.05
N MET A 290 10.30 -1.26 12.32
CA MET A 290 10.19 -2.67 12.74
C MET A 290 11.19 -3.56 12.01
N THR A 291 12.24 -3.96 12.69
CA THR A 291 13.21 -4.86 12.11
C THR A 291 12.83 -6.24 12.63
N TYR A 292 12.66 -7.21 11.74
CA TYR A 292 12.37 -8.58 12.15
C TYR A 292 13.13 -9.54 11.26
CO CO B . -1.36 1.54 3.67
C1 AKG C . -1.44 2.58 1.03
O1 AKG C . -1.50 3.35 0.02
O2 AKG C . -1.60 3.00 2.19
C2 AKG C . -1.24 1.13 0.88
O5 AKG C . -0.92 0.44 1.84
C3 AKG C . -1.42 0.48 -0.47
C4 AKG C . -0.09 0.59 -1.14
C5 AKG C . -0.11 0.11 -2.58
O3 AKG C . 1.00 -0.11 -3.06
O4 AKG C . -1.17 -0.07 -3.21
N PRO D . 3.04 3.70 6.11
CA PRO D . 3.66 4.62 5.16
C PRO D . 2.81 5.84 4.83
O PRO D . 1.79 6.13 5.49
CB PRO D . 3.89 3.75 3.91
CG PRO D . 3.16 2.47 4.16
CD PRO D . 3.15 2.31 5.66
OXT PRO D . 3.12 6.56 3.87
#